data_8OYX
#
_entry.id   8OYX
#
_cell.length_a   37.726
_cell.length_b   52.084
_cell.length_c   58.392
_cell.angle_alpha   94.080
_cell.angle_beta   104.360
_cell.angle_gamma   110.800
#
_symmetry.space_group_name_H-M   'P 1'
#
loop_
_entity.id
_entity.type
_entity.pdbx_description
1 polymer 'De novo designed soluble GPCR-like protein'
2 non-polymer 'PHOSPHATE ION'
3 water water
#
_entity_poly.entity_id   1
_entity_poly.type   'polypeptide(L)'
_entity_poly.pdbx_seq_one_letter_code
;MGREEEILERARELRERAEEAIRFLDENADEPWAAGPLGQMLRDIAEAIIRIAEAVELLLEPPTEERVERALELIAEAWA
LALAAILELLLVKKVEVKRKQNGDDSPPTQEEIEAAREEAEKMREEFEKLLEEVKKEGPLTEVEHVLKLLEKFLKYLDKI
IELAEELASIDPDNELAKNILEAAKKLKELFEKLIEELKKSPEWLLVLAETVLEAAETLYDLIVKPALEAYKAGSGHHHH
HH
;
_entity_poly.pdbx_strand_id   A,B
#
# COMPACT_ATOMS: atom_id res chain seq x y z
N GLY A 2 -12.66 -31.07 16.68
CA GLY A 2 -11.23 -30.86 16.54
C GLY A 2 -10.87 -29.39 16.63
N ARG A 3 -10.17 -29.02 17.71
CA ARG A 3 -9.82 -27.62 17.90
C ARG A 3 -8.96 -27.10 16.76
N GLU A 4 -8.07 -27.94 16.23
CA GLU A 4 -7.16 -27.46 15.19
C GLU A 4 -7.82 -27.47 13.82
N GLU A 5 -8.63 -28.49 13.52
CA GLU A 5 -9.46 -28.47 12.31
C GLU A 5 -10.37 -27.25 12.31
N GLU A 6 -10.89 -26.90 13.49
CA GLU A 6 -11.81 -25.78 13.62
C GLU A 6 -11.12 -24.46 13.33
N ILE A 7 -9.87 -24.31 13.78
CA ILE A 7 -9.11 -23.09 13.54
C ILE A 7 -8.79 -22.93 12.06
N LEU A 8 -8.43 -24.03 11.39
CA LEU A 8 -8.16 -23.98 9.96
C LEU A 8 -9.40 -23.55 9.18
N GLU A 9 -10.58 -23.99 9.61
CA GLU A 9 -11.82 -23.60 8.95
C GLU A 9 -12.12 -22.12 9.12
N ARG A 10 -11.89 -21.58 10.33
CA ARG A 10 -12.11 -20.15 10.54
C ARG A 10 -11.17 -19.32 9.69
N ALA A 11 -9.91 -19.74 9.60
CA ALA A 11 -8.94 -18.97 8.84
C ALA A 11 -9.35 -18.90 7.37
N ARG A 12 -9.77 -20.03 6.79
CA ARG A 12 -10.15 -20.01 5.39
C ARG A 12 -11.39 -19.17 5.14
N GLU A 13 -12.39 -19.29 6.02
CA GLU A 13 -13.59 -18.46 5.89
C GLU A 13 -13.27 -16.99 6.07
N LEU A 14 -12.40 -16.65 7.02
CA LEU A 14 -12.02 -15.26 7.16
C LEU A 14 -11.30 -14.75 5.91
N ARG A 15 -10.41 -15.57 5.37
CA ARG A 15 -9.69 -15.23 4.16
C ARG A 15 -10.66 -14.95 3.00
N GLU A 16 -11.67 -15.80 2.83
CA GLU A 16 -12.63 -15.63 1.74
C GLU A 16 -13.45 -14.35 1.91
N ARG A 17 -13.85 -14.02 3.14
CA ARG A 17 -14.62 -12.80 3.34
C ARG A 17 -13.78 -11.57 3.01
N ALA A 18 -12.50 -11.57 3.40
CA ALA A 18 -11.64 -10.43 3.11
C ALA A 18 -11.38 -10.28 1.62
N GLU A 19 -11.26 -11.41 0.91
CA GLU A 19 -11.06 -11.36 -0.53
C GLU A 19 -12.29 -10.83 -1.25
N GLU A 20 -13.48 -11.23 -0.80
CA GLU A 20 -14.71 -10.62 -1.31
C GLU A 20 -14.70 -9.11 -1.12
N ALA A 21 -14.17 -8.64 0.01
CA ALA A 21 -14.08 -7.21 0.26
C ALA A 21 -13.17 -6.52 -0.76
N ILE A 22 -12.00 -7.11 -1.01
CA ILE A 22 -11.08 -6.49 -1.96
C ILE A 22 -11.66 -6.51 -3.37
N ARG A 23 -12.33 -7.61 -3.75
CA ARG A 23 -13.01 -7.62 -5.03
C ARG A 23 -14.06 -6.52 -5.12
N PHE A 24 -14.79 -6.29 -4.03
CA PHE A 24 -15.74 -5.19 -4.02
C PHE A 24 -15.06 -3.85 -4.30
N LEU A 25 -13.92 -3.59 -3.67
CA LEU A 25 -13.24 -2.32 -3.88
C LEU A 25 -12.72 -2.20 -5.31
N ASP A 26 -12.24 -3.31 -5.90
CA ASP A 26 -11.74 -3.24 -7.27
C ASP A 26 -12.87 -3.05 -8.28
N GLU A 27 -13.96 -3.78 -8.11
CA GLU A 27 -15.08 -3.65 -9.04
C GLU A 27 -15.66 -2.25 -8.99
N ASN A 28 -15.35 -1.49 -7.93
CA ASN A 28 -15.75 -0.11 -7.76
C ASN A 28 -14.56 0.85 -7.83
N ALA A 29 -13.52 0.51 -8.61
CA ALA A 29 -12.30 1.31 -8.63
C ALA A 29 -12.53 2.70 -9.22
N ASP A 30 -13.46 2.81 -10.17
CA ASP A 30 -13.71 4.09 -10.83
C ASP A 30 -14.36 5.12 -9.89
N GLU A 31 -15.18 4.64 -8.95
CA GLU A 31 -15.85 5.53 -8.02
C GLU A 31 -14.86 6.33 -7.21
N PRO A 32 -15.17 7.57 -6.82
CA PRO A 32 -14.18 8.43 -6.17
C PRO A 32 -13.73 7.94 -4.81
N TRP A 33 -14.66 7.39 -4.01
CA TRP A 33 -14.31 6.99 -2.65
C TRP A 33 -13.34 5.81 -2.63
N ALA A 34 -13.49 4.86 -3.55
CA ALA A 34 -12.57 3.72 -3.60
C ALA A 34 -11.17 4.14 -4.04
N ALA A 35 -11.08 5.13 -4.94
CA ALA A 35 -9.77 5.61 -5.39
C ALA A 35 -9.05 6.38 -4.29
N GLY A 36 -9.80 7.09 -3.45
CA GLY A 36 -9.23 7.97 -2.46
C GLY A 36 -8.50 7.25 -1.35
N PRO A 37 -8.12 8.00 -0.30
CA PRO A 37 -7.40 7.39 0.82
C PRO A 37 -8.23 6.39 1.60
N LEU A 38 -9.52 6.67 1.78
CA LEU A 38 -10.37 5.77 2.56
C LEU A 38 -10.41 4.37 1.92
N GLY A 39 -10.57 4.30 0.60
CA GLY A 39 -10.62 3.02 -0.07
C GLY A 39 -9.32 2.25 0.03
N GLN A 40 -8.18 2.95 -0.11
CA GLN A 40 -6.89 2.28 -0.03
C GLN A 40 -6.62 1.74 1.35
N MET A 41 -7.04 2.46 2.40
CA MET A 41 -6.83 1.97 3.75
C MET A 41 -7.74 0.76 4.04
N LEU A 42 -8.95 0.74 3.51
CA LEU A 42 -9.79 -0.45 3.65
C LEU A 42 -9.18 -1.66 2.96
N ARG A 43 -8.58 -1.43 1.78
CA ARG A 43 -7.83 -2.49 1.09
C ARG A 43 -6.67 -2.98 1.94
N ASP A 44 -5.91 -2.05 2.53
CA ASP A 44 -4.76 -2.45 3.36
C ASP A 44 -5.22 -3.31 4.53
N ILE A 45 -6.30 -2.91 5.20
CA ILE A 45 -6.84 -3.72 6.29
C ILE A 45 -7.28 -5.07 5.77
N ALA A 46 -8.00 -5.07 4.64
CA ALA A 46 -8.45 -6.34 4.09
C ALA A 46 -7.28 -7.22 3.70
N GLU A 47 -6.22 -6.61 3.14
CA GLU A 47 -5.02 -7.39 2.82
C GLU A 47 -4.36 -7.92 4.09
N ALA A 48 -4.28 -7.10 5.14
CA ALA A 48 -3.70 -7.55 6.40
C ALA A 48 -4.45 -8.76 6.96
N ILE A 49 -5.78 -8.74 6.89
CA ILE A 49 -6.58 -9.88 7.31
C ILE A 49 -6.22 -11.11 6.50
N ILE A 50 -6.07 -10.97 5.18
CA ILE A 50 -5.69 -12.10 4.35
C ILE A 50 -4.36 -12.68 4.83
N ARG A 51 -3.39 -11.80 5.11
CA ARG A 51 -2.07 -12.28 5.51
C ARG A 51 -2.11 -12.96 6.87
N ILE A 52 -2.88 -12.41 7.80
CA ILE A 52 -3.05 -13.05 9.10
C ILE A 52 -3.62 -14.44 8.94
N ALA A 53 -4.63 -14.57 8.08
CA ALA A 53 -5.25 -15.88 7.87
C ALA A 53 -4.27 -16.87 7.26
N GLU A 54 -3.50 -16.43 6.26
CA GLU A 54 -2.51 -17.30 5.65
C GLU A 54 -1.44 -17.72 6.65
N ALA A 55 -1.02 -16.79 7.52
CA ALA A 55 0.03 -17.11 8.49
C ALA A 55 -0.47 -18.10 9.53
N VAL A 56 -1.74 -17.98 9.94
CA VAL A 56 -2.30 -18.93 10.90
C VAL A 56 -2.29 -20.34 10.33
N GLU A 57 -2.51 -20.47 9.02
CA GLU A 57 -2.50 -21.79 8.41
C GLU A 57 -1.13 -22.45 8.52
N LEU A 58 -0.05 -21.67 8.47
CA LEU A 58 1.28 -22.21 8.73
C LEU A 58 1.39 -22.75 10.15
N LEU A 59 0.81 -22.04 11.12
CA LEU A 59 0.89 -22.50 12.50
C LEU A 59 0.26 -23.88 12.67
N LEU A 60 -0.82 -24.15 11.93
CA LEU A 60 -1.56 -25.39 12.12
C LEU A 60 -0.96 -26.54 11.32
N GLU A 61 0.33 -26.48 11.07
CA GLU A 61 1.06 -27.52 10.39
C GLU A 61 1.94 -28.28 11.39
N PRO A 62 2.59 -29.37 10.98
CA PRO A 62 3.52 -30.06 11.88
C PRO A 62 4.58 -29.11 12.42
N PRO A 63 4.78 -29.09 13.73
CA PRO A 63 5.59 -28.01 14.33
C PRO A 63 7.05 -28.13 13.94
N THR A 64 7.64 -26.99 13.58
CA THR A 64 9.07 -26.90 13.30
C THR A 64 9.54 -25.49 13.59
N GLU A 65 10.80 -25.39 14.02
CA GLU A 65 11.38 -24.09 14.34
C GLU A 65 11.29 -23.13 13.17
N GLU A 66 11.52 -23.62 11.94
CA GLU A 66 11.52 -22.74 10.78
C GLU A 66 10.13 -22.18 10.48
N ARG A 67 9.15 -23.06 10.29
CA ARG A 67 7.84 -22.57 9.86
C ARG A 67 7.19 -21.73 10.94
N VAL A 68 7.23 -22.19 12.18
CA VAL A 68 6.53 -21.48 13.24
C VAL A 68 7.07 -20.07 13.37
N GLU A 69 8.40 -19.92 13.32
CA GLU A 69 8.97 -18.59 13.47
C GLU A 69 8.66 -17.71 12.28
N ARG A 70 8.72 -18.26 11.08
CA ARG A 70 8.33 -17.43 9.95
C ARG A 70 6.85 -17.07 10.05
N ALA A 71 6.04 -18.01 10.54
CA ALA A 71 4.61 -17.75 10.73
C ALA A 71 4.37 -16.66 11.78
N LEU A 72 5.14 -16.65 12.86
CA LEU A 72 4.96 -15.60 13.86
C LEU A 72 5.32 -14.23 13.31
N GLU A 73 6.36 -14.16 12.45
CA GLU A 73 6.74 -12.87 11.87
C GLU A 73 5.67 -12.35 10.91
N LEU A 74 5.09 -13.25 10.11
CA LEU A 74 4.02 -12.85 9.20
C LEU A 74 2.80 -12.34 9.96
N ILE A 75 2.44 -13.01 11.06
CA ILE A 75 1.35 -12.53 11.91
C ILE A 75 1.66 -11.15 12.44
N ALA A 76 2.88 -10.97 12.97
CA ALA A 76 3.27 -9.70 13.58
C ALA A 76 3.29 -8.56 12.56
N GLU A 77 3.93 -8.79 11.40
CA GLU A 77 3.99 -7.76 10.37
C GLU A 77 2.62 -7.46 9.78
N ALA A 78 1.74 -8.47 9.69
CA ALA A 78 0.40 -8.21 9.17
C ALA A 78 -0.43 -7.36 10.14
N TRP A 79 -0.36 -7.65 11.44
CA TRP A 79 -1.01 -6.78 12.41
C TRP A 79 -0.41 -5.39 12.40
N ALA A 80 0.91 -5.29 12.17
CA ALA A 80 1.54 -3.98 12.05
C ALA A 80 0.95 -3.19 10.89
N LEU A 81 0.67 -3.86 9.76
CA LEU A 81 0.02 -3.20 8.65
C LEU A 81 -1.40 -2.76 8.99
N ALA A 82 -2.17 -3.62 9.65
CA ALA A 82 -3.56 -3.31 9.93
C ALA A 82 -3.69 -2.14 10.89
N LEU A 83 -2.86 -2.11 11.94
CA LEU A 83 -2.94 -1.01 12.90
C LEU A 83 -2.48 0.29 12.28
N ALA A 84 -1.49 0.23 11.37
CA ALA A 84 -1.03 1.43 10.69
C ALA A 84 -2.10 1.95 9.73
N ALA A 85 -2.75 1.05 9.00
CA ALA A 85 -3.84 1.48 8.12
C ALA A 85 -4.99 2.10 8.90
N ILE A 86 -5.30 1.53 10.05
CA ILE A 86 -6.36 2.08 10.90
C ILE A 86 -5.95 3.46 11.39
N LEU A 87 -4.70 3.61 11.82
CA LEU A 87 -4.20 4.91 12.23
C LEU A 87 -4.35 5.94 11.11
N GLU A 88 -3.89 5.61 9.91
CA GLU A 88 -3.95 6.57 8.80
C GLU A 88 -5.40 6.94 8.49
N LEU A 89 -6.29 5.97 8.57
CA LEU A 89 -7.71 6.22 8.35
C LEU A 89 -8.25 7.25 9.34
N LEU A 90 -7.90 7.11 10.62
CA LEU A 90 -8.31 8.10 11.60
C LEU A 90 -7.72 9.47 11.28
N LEU A 91 -6.43 9.50 10.89
CA LEU A 91 -5.78 10.78 10.64
C LEU A 91 -6.41 11.49 9.45
N VAL A 92 -6.72 10.74 8.39
CA VAL A 92 -7.35 11.35 7.21
C VAL A 92 -8.76 11.82 7.52
N LYS A 93 -9.55 11.01 8.23
CA LYS A 93 -10.89 11.45 8.60
C LYS A 93 -10.85 12.63 9.57
N LYS A 94 -9.84 12.71 10.44
CA LYS A 94 -9.73 13.89 11.29
C LYS A 94 -9.55 15.14 10.46
N VAL A 95 -8.68 15.07 9.45
CA VAL A 95 -8.45 16.22 8.58
C VAL A 95 -9.71 16.51 7.76
N GLU A 96 -10.39 15.48 7.26
CA GLU A 96 -11.62 15.71 6.51
C GLU A 96 -12.65 16.42 7.38
N VAL A 97 -12.89 15.93 8.59
CA VAL A 97 -13.95 16.49 9.41
C VAL A 97 -13.63 17.92 9.81
N LYS A 98 -12.38 18.18 10.20
CA LYS A 98 -12.00 19.54 10.59
C LYS A 98 -12.17 20.52 9.43
N ARG A 99 -11.77 20.12 8.22
CA ARG A 99 -11.91 21.02 7.07
C ARG A 99 -13.38 21.26 6.75
N LYS A 100 -14.15 20.17 6.58
CA LYS A 100 -15.55 20.31 6.20
C LYS A 100 -16.35 21.08 7.25
N GLN A 101 -15.97 20.94 8.53
CA GLN A 101 -16.57 21.79 9.56
C GLN A 101 -16.21 23.25 9.35
N ASN A 102 -14.93 23.53 9.09
CA ASN A 102 -14.50 24.89 8.78
C ASN A 102 -15.06 25.36 7.44
N GLY A 103 -15.19 24.44 6.48
CA GLY A 103 -15.63 24.78 5.14
C GLY A 103 -14.87 23.98 4.11
N ASP A 104 -14.46 24.61 3.01
CA ASP A 104 -13.53 24.01 2.04
C ASP A 104 -13.92 22.57 1.73
N ASP A 105 -15.17 22.39 1.26
CA ASP A 105 -15.69 21.07 0.92
C ASP A 105 -14.73 20.25 0.06
N SER A 106 -13.84 20.91 -0.67
CA SER A 106 -12.77 20.27 -1.43
C SER A 106 -12.11 19.16 -0.62
N PRO A 107 -11.74 18.04 -1.24
CA PRO A 107 -11.13 16.95 -0.49
C PRO A 107 -9.82 17.38 0.13
N PRO A 108 -9.33 16.65 1.13
CA PRO A 108 -8.07 17.03 1.78
C PRO A 108 -6.94 17.07 0.77
N THR A 109 -6.00 17.99 0.98
CA THR A 109 -4.88 18.15 0.06
C THR A 109 -4.03 16.89 0.06
N GLN A 110 -3.20 16.77 -0.98
CA GLN A 110 -2.29 15.63 -1.03
C GLN A 110 -1.26 15.66 0.09
N GLU A 111 -0.79 16.86 0.46
CA GLU A 111 0.18 16.97 1.54
C GLU A 111 -0.40 16.48 2.86
N GLU A 112 -1.67 16.81 3.14
CA GLU A 112 -2.33 16.29 4.33
C GLU A 112 -2.38 14.77 4.29
N ILE A 113 -2.70 14.20 3.13
CA ILE A 113 -2.81 12.75 3.01
C ILE A 113 -1.46 12.09 3.19
N GLU A 114 -0.44 12.58 2.47
CA GLU A 114 0.91 12.05 2.67
C GLU A 114 1.38 12.22 4.10
N ALA A 115 1.07 13.35 4.73
CA ALA A 115 1.46 13.51 6.13
C ALA A 115 0.87 12.40 7.00
N ALA A 116 -0.40 12.05 6.78
CA ALA A 116 -1.00 10.95 7.52
C ALA A 116 -0.36 9.62 7.13
N ARG A 117 -0.05 9.43 5.84
CA ARG A 117 0.54 8.15 5.44
C ARG A 117 1.92 7.97 6.05
N GLU A 118 2.70 9.05 6.12
CA GLU A 118 4.05 8.96 6.67
C GLU A 118 4.03 8.71 8.18
N GLU A 119 3.06 9.27 8.89
CA GLU A 119 2.95 8.96 10.32
C GLU A 119 2.61 7.50 10.53
N ALA A 120 1.66 6.97 9.78
CA ALA A 120 1.34 5.54 9.89
C ALA A 120 2.54 4.70 9.53
N GLU A 121 3.30 5.12 8.51
CA GLU A 121 4.45 4.34 8.06
C GLU A 121 5.51 4.26 9.15
N LYS A 122 5.72 5.35 9.89
CA LYS A 122 6.69 5.34 10.99
C LYS A 122 6.29 4.31 12.05
N MET A 123 4.99 4.20 12.34
CA MET A 123 4.54 3.17 13.27
C MET A 123 4.87 1.77 12.74
N ARG A 124 4.72 1.57 11.44
CA ARG A 124 5.05 0.28 10.84
C ARG A 124 6.55 0.01 10.92
N GLU A 125 7.38 1.04 10.70
CA GLU A 125 8.83 0.82 10.73
C GLU A 125 9.33 0.55 12.15
N GLU A 126 8.78 1.25 13.14
CA GLU A 126 9.22 1.05 14.52
C GLU A 126 8.92 -0.37 14.99
N PHE A 127 7.79 -0.93 14.56
CA PHE A 127 7.52 -2.32 14.90
C PHE A 127 8.53 -3.26 14.25
N GLU A 128 8.96 -2.95 13.03
CA GLU A 128 9.91 -3.84 12.36
C GLU A 128 11.25 -3.81 13.08
N LYS A 129 11.64 -2.64 13.60
CA LYS A 129 12.87 -2.54 14.37
C LYS A 129 12.76 -3.30 15.68
N LEU A 130 11.59 -3.24 16.34
CA LEU A 130 11.38 -4.07 17.52
C LEU A 130 11.54 -5.54 17.19
N LEU A 131 10.95 -5.97 16.08
CA LEU A 131 11.00 -7.38 15.69
C LEU A 131 12.43 -7.83 15.45
N GLU A 132 13.21 -7.02 14.74
CA GLU A 132 14.57 -7.43 14.42
C GLU A 132 15.44 -7.54 15.67
N GLU A 133 15.23 -6.64 16.64
CA GLU A 133 16.07 -6.68 17.84
C GLU A 133 15.69 -7.84 18.77
N VAL A 134 14.39 -8.10 18.91
CA VAL A 134 13.93 -9.22 19.71
C VAL A 134 14.46 -10.53 19.15
N LYS A 135 14.55 -10.62 17.81
CA LYS A 135 14.93 -11.89 17.19
C LYS A 135 16.39 -12.24 17.44
N LYS A 136 17.27 -11.23 17.46
CA LYS A 136 18.66 -11.50 17.82
C LYS A 136 18.79 -11.97 19.26
N GLU A 137 17.89 -11.51 20.14
CA GLU A 137 17.88 -12.00 21.52
C GLU A 137 17.55 -13.49 21.56
N GLY A 138 16.68 -13.93 20.66
CA GLY A 138 16.31 -15.32 20.56
C GLY A 138 15.15 -15.49 19.59
N PRO A 139 14.76 -16.73 19.34
CA PRO A 139 13.62 -16.97 18.45
C PRO A 139 12.31 -16.51 19.07
N LEU A 140 11.40 -16.08 18.19
CA LEU A 140 10.05 -15.74 18.60
C LEU A 140 9.25 -16.94 19.07
N THR A 141 9.75 -18.17 18.90
CA THR A 141 9.06 -19.32 19.46
C THR A 141 9.08 -19.34 20.98
N GLU A 142 9.83 -18.43 21.61
CA GLU A 142 9.84 -18.30 23.06
C GLU A 142 8.72 -17.35 23.47
N VAL A 143 8.01 -17.72 24.53
CA VAL A 143 6.78 -17.00 24.88
C VAL A 143 7.10 -15.57 25.27
N GLU A 144 8.20 -15.35 26.01
CA GLU A 144 8.55 -14.00 26.43
C GLU A 144 8.71 -13.07 25.24
N HIS A 145 9.27 -13.58 24.14
CA HIS A 145 9.51 -12.75 22.97
C HIS A 145 8.21 -12.36 22.29
N VAL A 146 7.26 -13.29 22.19
CA VAL A 146 5.96 -12.94 21.63
C VAL A 146 5.27 -11.90 22.50
N LEU A 147 5.38 -12.05 23.83
CA LEU A 147 4.74 -11.07 24.72
C LEU A 147 5.28 -9.67 24.47
N LYS A 148 6.56 -9.54 24.11
CA LYS A 148 7.13 -8.22 23.82
C LYS A 148 6.48 -7.60 22.60
N LEU A 149 6.18 -8.41 21.58
CA LEU A 149 5.52 -7.89 20.39
C LEU A 149 4.07 -7.53 20.70
N LEU A 150 3.39 -8.35 21.51
CA LEU A 150 2.00 -8.08 21.83
C LEU A 150 1.87 -6.82 22.69
N GLU A 151 2.82 -6.57 23.58
CA GLU A 151 2.73 -5.35 24.38
C GLU A 151 2.89 -4.13 23.50
N LYS A 152 3.73 -4.21 22.45
CA LYS A 152 3.85 -3.13 21.49
C LYS A 152 2.56 -2.92 20.72
N PHE A 153 1.89 -4.00 20.29
CA PHE A 153 0.56 -3.85 19.70
C PHE A 153 -0.39 -3.14 20.65
N LEU A 154 -0.32 -3.45 21.96
CA LEU A 154 -1.18 -2.77 22.92
C LEU A 154 -0.87 -1.28 22.97
N LYS A 155 0.41 -0.91 22.88
CA LYS A 155 0.74 0.52 22.84
C LYS A 155 0.11 1.21 21.63
N TYR A 156 0.24 0.60 20.45
CA TYR A 156 -0.34 1.21 19.24
C TYR A 156 -1.86 1.28 19.35
N LEU A 157 -2.45 0.26 19.94
CA LEU A 157 -3.90 0.21 20.09
C LEU A 157 -4.38 1.29 21.08
N ASP A 158 -3.58 1.61 22.09
CA ASP A 158 -3.93 2.73 22.97
C ASP A 158 -3.94 4.04 22.19
N LYS A 159 -2.95 4.23 21.31
CA LYS A 159 -2.89 5.43 20.49
C LYS A 159 -4.09 5.54 19.57
N ILE A 160 -4.50 4.41 18.99
CA ILE A 160 -5.69 4.41 18.14
C ILE A 160 -6.93 4.76 18.96
N ILE A 161 -7.07 4.13 20.13
CA ILE A 161 -8.23 4.39 20.99
C ILE A 161 -8.32 5.87 21.32
N GLU A 162 -7.21 6.45 21.78
CA GLU A 162 -7.20 7.86 22.12
C GLU A 162 -7.56 8.71 20.92
N LEU A 163 -7.00 8.40 19.74
CA LEU A 163 -7.29 9.20 18.57
C LEU A 163 -8.73 9.01 18.11
N ALA A 164 -9.24 7.78 18.17
CA ALA A 164 -10.64 7.57 17.81
C ALA A 164 -11.59 8.25 18.80
N GLU A 165 -11.20 8.33 20.09
CA GLU A 165 -12.01 9.10 21.03
C GLU A 165 -12.13 10.55 20.60
N GLU A 166 -11.05 11.14 20.05
CA GLU A 166 -11.13 12.57 19.73
C GLU A 166 -11.91 12.82 18.45
N LEU A 167 -11.80 11.93 17.44
CA LEU A 167 -12.70 12.04 16.28
C LEU A 167 -14.16 11.98 16.71
N ALA A 168 -14.48 11.07 17.63
CA ALA A 168 -15.87 10.94 18.07
C ALA A 168 -16.34 12.17 18.83
N SER A 169 -15.42 12.91 19.47
CA SER A 169 -15.81 14.17 20.10
C SER A 169 -15.99 15.27 19.07
N ILE A 170 -15.17 15.27 18.01
CA ILE A 170 -15.29 16.28 16.97
C ILE A 170 -16.51 16.02 16.10
N ASP A 171 -16.81 14.75 15.83
CA ASP A 171 -17.96 14.35 15.01
C ASP A 171 -18.74 13.28 15.76
N PRO A 172 -19.69 13.69 16.61
CA PRO A 172 -20.33 12.71 17.49
C PRO A 172 -21.13 11.65 16.75
N ASP A 173 -21.49 11.90 15.50
CA ASP A 173 -22.37 11.00 14.75
C ASP A 173 -21.62 10.26 13.65
N ASN A 174 -20.29 10.23 13.71
CA ASN A 174 -19.49 9.61 12.67
C ASN A 174 -19.39 8.11 12.93
N GLU A 175 -20.00 7.30 12.06
CA GLU A 175 -20.08 5.87 12.29
C GLU A 175 -18.73 5.19 12.14
N LEU A 176 -17.87 5.68 11.24
CA LEU A 176 -16.57 5.04 11.05
C LEU A 176 -15.69 5.18 12.29
N ALA A 177 -15.67 6.37 12.89
CA ALA A 177 -14.94 6.60 14.13
C ALA A 177 -15.46 5.73 15.26
N LYS A 178 -16.79 5.58 15.38
CA LYS A 178 -17.35 4.74 16.42
C LYS A 178 -16.97 3.29 16.20
N ASN A 179 -16.98 2.84 14.95
CA ASN A 179 -16.63 1.45 14.69
C ASN A 179 -15.16 1.19 14.97
N ILE A 180 -14.26 2.09 14.55
CA ILE A 180 -12.85 1.91 14.86
C ILE A 180 -12.61 1.91 16.36
N LEU A 181 -13.27 2.83 17.08
CA LEU A 181 -13.13 2.87 18.53
C LEU A 181 -13.58 1.56 19.17
N GLU A 182 -14.76 1.07 18.78
CA GLU A 182 -15.25 -0.18 19.34
C GLU A 182 -14.37 -1.35 18.95
N ALA A 183 -13.85 -1.36 17.71
CA ALA A 183 -12.94 -2.43 17.32
C ALA A 183 -11.63 -2.33 18.08
N ALA A 184 -11.08 -1.12 18.22
CA ALA A 184 -9.82 -0.98 18.94
C ALA A 184 -9.95 -1.42 20.40
N LYS A 185 -11.06 -1.07 21.04
CA LYS A 185 -11.28 -1.48 22.43
C LYS A 185 -11.36 -3.00 22.55
N LYS A 186 -12.05 -3.64 21.61
CA LYS A 186 -12.15 -5.09 21.64
C LYS A 186 -10.79 -5.74 21.40
N LEU A 187 -9.99 -5.20 20.46
CA LEU A 187 -8.68 -5.80 20.23
C LEU A 187 -7.80 -5.66 21.46
N LYS A 188 -7.91 -4.54 22.19
CA LYS A 188 -7.10 -4.37 23.39
C LYS A 188 -7.47 -5.41 24.43
N GLU A 189 -8.78 -5.67 24.62
CA GLU A 189 -9.21 -6.71 25.54
C GLU A 189 -8.70 -8.08 25.07
N LEU A 190 -8.81 -8.37 23.78
CA LEU A 190 -8.37 -9.66 23.27
C LEU A 190 -6.88 -9.86 23.49
N PHE A 191 -6.08 -8.83 23.23
CA PHE A 191 -4.64 -9.00 23.31
C PHE A 191 -4.14 -8.98 24.75
N GLU A 192 -4.84 -8.29 25.64
CA GLU A 192 -4.49 -8.33 27.06
C GLU A 192 -4.78 -9.70 27.66
N LYS A 193 -5.96 -10.26 27.37
CA LYS A 193 -6.27 -11.61 27.80
C LYS A 193 -5.29 -12.62 27.22
N LEU A 194 -4.81 -12.37 26.00
CA LEU A 194 -3.85 -13.26 25.37
C LEU A 194 -2.51 -13.23 26.08
N ILE A 195 -2.06 -12.04 26.49
CA ILE A 195 -0.80 -11.96 27.23
C ILE A 195 -0.92 -12.73 28.55
N GLU A 196 -2.08 -12.65 29.18
CA GLU A 196 -2.30 -13.43 30.41
C GLU A 196 -2.18 -14.93 30.15
N GLU A 197 -2.73 -15.40 29.03
CA GLU A 197 -2.84 -16.84 28.83
C GLU A 197 -1.55 -17.49 28.35
N LEU A 198 -0.75 -16.81 27.52
CA LEU A 198 0.40 -17.46 26.89
C LEU A 198 1.33 -18.10 27.92
N LYS A 199 1.43 -17.50 29.11
CA LYS A 199 2.32 -18.04 30.13
C LYS A 199 1.88 -19.44 30.55
N LYS A 200 0.58 -19.63 30.80
CA LYS A 200 0.07 -20.85 31.40
C LYS A 200 -0.52 -21.84 30.40
N SER A 201 -0.48 -21.52 29.10
CA SER A 201 -1.11 -22.37 28.09
C SER A 201 -0.07 -23.30 27.48
N PRO A 202 -0.20 -24.63 27.62
CA PRO A 202 0.74 -25.51 26.91
C PRO A 202 0.64 -25.44 25.39
N GLU A 203 -0.55 -25.28 24.84
CA GLU A 203 -0.72 -25.17 23.38
C GLU A 203 -0.93 -23.71 22.99
N TRP A 204 0.03 -22.86 23.34
CA TRP A 204 -0.17 -21.43 23.20
C TRP A 204 -0.23 -20.98 21.75
N LEU A 205 0.31 -21.76 20.81
CA LEU A 205 0.19 -21.38 19.41
C LEU A 205 -1.27 -21.37 18.97
N LEU A 206 -2.04 -22.35 19.43
CA LEU A 206 -3.48 -22.38 19.12
C LEU A 206 -4.22 -21.25 19.79
N VAL A 207 -3.83 -20.91 21.03
CA VAL A 207 -4.48 -19.79 21.70
C VAL A 207 -4.18 -18.50 20.94
N LEU A 208 -2.92 -18.30 20.56
CA LEU A 208 -2.55 -17.17 19.73
C LEU A 208 -3.28 -17.23 18.40
N ALA A 209 -3.33 -18.41 17.78
CA ALA A 209 -4.05 -18.54 16.52
C ALA A 209 -5.51 -18.15 16.68
N GLU A 210 -6.17 -18.67 17.73
CA GLU A 210 -7.58 -18.35 17.92
C GLU A 210 -7.78 -16.88 18.20
N THR A 211 -6.85 -16.24 18.94
CA THR A 211 -7.06 -14.84 19.26
C THR A 211 -6.86 -13.95 18.05
N VAL A 212 -5.82 -14.20 17.24
CA VAL A 212 -5.62 -13.29 16.11
C VAL A 212 -6.72 -13.48 15.08
N LEU A 213 -7.28 -14.68 14.96
CA LEU A 213 -8.43 -14.84 14.07
C LEU A 213 -9.62 -14.02 14.56
N GLU A 214 -9.95 -14.14 15.86
CA GLU A 214 -11.04 -13.34 16.40
C GLU A 214 -10.78 -11.86 16.23
N ALA A 215 -9.54 -11.44 16.45
CA ALA A 215 -9.21 -10.03 16.30
C ALA A 215 -9.35 -9.59 14.85
N ALA A 216 -8.92 -10.43 13.91
CA ALA A 216 -9.10 -10.09 12.50
C ALA A 216 -10.56 -10.12 12.10
N GLU A 217 -11.34 -11.05 12.66
CA GLU A 217 -12.78 -11.07 12.41
C GLU A 217 -13.44 -9.80 12.91
N THR A 218 -12.95 -9.29 14.05
CA THR A 218 -13.50 -8.04 14.58
C THR A 218 -13.21 -6.87 13.64
N LEU A 219 -12.00 -6.82 13.06
CA LEU A 219 -11.72 -5.78 12.08
C LEU A 219 -12.65 -5.90 10.89
N TYR A 220 -12.87 -7.12 10.42
CA TYR A 220 -13.74 -7.28 9.26
C TYR A 220 -15.16 -6.86 9.60
N ASP A 221 -15.70 -7.38 10.70
CA ASP A 221 -17.11 -7.20 11.02
C ASP A 221 -17.44 -5.79 11.44
N LEU A 222 -16.54 -5.11 12.16
CA LEU A 222 -16.91 -3.82 12.69
C LEU A 222 -16.40 -2.66 11.86
N ILE A 223 -15.27 -2.84 11.17
CA ILE A 223 -14.66 -1.76 10.40
C ILE A 223 -14.89 -1.93 8.92
N VAL A 224 -14.36 -3.00 8.31
CA VAL A 224 -14.26 -3.12 6.87
C VAL A 224 -15.65 -3.24 6.24
N LYS A 225 -16.36 -4.29 6.62
CA LYS A 225 -17.67 -4.58 6.03
C LYS A 225 -18.65 -3.43 6.21
N PRO A 226 -18.78 -2.82 7.39
CA PRO A 226 -19.72 -1.69 7.51
C PRO A 226 -19.38 -0.54 6.60
N ALA A 227 -18.09 -0.18 6.48
CA ALA A 227 -17.70 0.94 5.63
C ALA A 227 -18.03 0.67 4.17
N LEU A 228 -17.84 -0.57 3.72
CA LEU A 228 -18.18 -0.92 2.35
C LEU A 228 -19.69 -0.87 2.13
N GLU A 229 -20.46 -1.42 3.08
CA GLU A 229 -21.91 -1.42 2.96
C GLU A 229 -22.46 0.00 2.98
N ALA A 230 -21.77 0.92 3.66
CA ALA A 230 -22.18 2.30 3.64
C ALA A 230 -22.04 2.89 2.24
N TYR A 231 -21.06 2.40 1.46
CA TYR A 231 -20.88 2.90 0.11
C TYR A 231 -21.78 2.22 -0.92
N LYS A 232 -22.10 0.93 -0.74
CA LYS A 232 -23.13 0.32 -1.59
C LYS A 232 -24.43 1.13 -1.53
N ALA A 233 -24.83 1.50 -0.32
CA ALA A 233 -26.01 2.34 -0.13
C ALA A 233 -25.62 3.81 -0.18
N GLY B 2 -9.89 15.24 -32.25
CA GLY B 2 -9.82 16.00 -31.01
C GLY B 2 -8.71 15.53 -30.09
N ARG B 3 -7.70 16.39 -29.91
CA ARG B 3 -6.57 16.02 -29.07
C ARG B 3 -7.02 15.73 -27.64
N GLU B 4 -7.88 16.59 -27.09
CA GLU B 4 -8.49 16.32 -25.80
C GLU B 4 -9.22 14.98 -25.81
N GLU B 5 -9.92 14.69 -26.91
CA GLU B 5 -10.75 13.51 -26.98
C GLU B 5 -9.89 12.26 -26.98
N GLU B 6 -8.80 12.29 -27.76
CA GLU B 6 -7.90 11.15 -27.84
C GLU B 6 -7.18 10.94 -26.52
N ILE B 7 -6.79 12.03 -25.84
CA ILE B 7 -6.08 11.86 -24.57
C ILE B 7 -6.99 11.25 -23.52
N LEU B 8 -8.24 11.71 -23.45
CA LEU B 8 -9.20 11.12 -22.52
C LEU B 8 -9.43 9.64 -22.85
N GLU B 9 -9.48 9.31 -24.15
CA GLU B 9 -9.70 7.93 -24.56
C GLU B 9 -8.55 7.04 -24.14
N ARG B 10 -7.30 7.52 -24.27
CA ARG B 10 -6.15 6.75 -23.82
C ARG B 10 -6.18 6.55 -22.32
N ALA B 11 -6.53 7.60 -21.57
CA ALA B 11 -6.55 7.46 -20.11
C ALA B 11 -7.55 6.39 -19.67
N ARG B 12 -8.74 6.40 -20.26
CA ARG B 12 -9.76 5.43 -19.86
C ARG B 12 -9.36 4.00 -20.23
N GLU B 13 -8.78 3.81 -21.42
CA GLU B 13 -8.30 2.48 -21.80
C GLU B 13 -7.17 2.03 -20.88
N LEU B 14 -6.24 2.94 -20.60
CA LEU B 14 -5.15 2.63 -19.68
C LEU B 14 -5.69 2.32 -18.30
N ARG B 15 -6.69 3.09 -17.86
CA ARG B 15 -7.34 2.84 -16.58
C ARG B 15 -7.98 1.46 -16.55
N GLU B 16 -8.68 1.08 -17.63
CA GLU B 16 -9.32 -0.23 -17.64
C GLU B 16 -8.31 -1.36 -17.62
N ARG B 17 -7.21 -1.22 -18.37
CA ARG B 17 -6.22 -2.30 -18.37
C ARG B 17 -5.59 -2.48 -17.00
N ALA B 18 -5.34 -1.37 -16.29
CA ALA B 18 -4.75 -1.48 -14.96
C ALA B 18 -5.71 -2.12 -13.96
N GLU B 19 -7.01 -1.82 -14.09
CA GLU B 19 -8.00 -2.40 -13.20
C GLU B 19 -8.16 -3.90 -13.43
N GLU B 20 -8.07 -4.33 -14.69
CA GLU B 20 -8.10 -5.76 -14.97
C GLU B 20 -6.89 -6.44 -14.35
N ALA B 21 -5.73 -5.79 -14.40
CA ALA B 21 -4.53 -6.36 -13.80
C ALA B 21 -4.71 -6.60 -12.31
N ILE B 22 -5.24 -5.62 -11.59
CA ILE B 22 -5.45 -5.77 -10.16
C ILE B 22 -6.48 -6.85 -9.87
N ARG B 23 -7.57 -6.90 -10.65
CA ARG B 23 -8.52 -7.98 -10.46
C ARG B 23 -7.91 -9.35 -10.72
N PHE B 24 -7.04 -9.46 -11.74
CA PHE B 24 -6.33 -10.71 -11.91
C PHE B 24 -5.54 -11.07 -10.66
N LEU B 25 -4.86 -10.09 -10.06
CA LEU B 25 -4.07 -10.34 -8.86
C LEU B 25 -4.95 -10.74 -7.68
N ASP B 26 -6.16 -10.17 -7.56
CA ASP B 26 -7.04 -10.56 -6.46
C ASP B 26 -7.54 -11.98 -6.64
N GLU B 27 -7.99 -12.29 -7.86
CA GLU B 27 -8.53 -13.60 -8.14
C GLU B 27 -7.51 -14.72 -7.98
N ASN B 28 -6.22 -14.38 -7.93
CA ASN B 28 -5.17 -15.34 -7.64
C ASN B 28 -4.53 -15.10 -6.27
N ALA B 29 -5.31 -14.55 -5.33
CA ALA B 29 -4.76 -14.12 -4.04
C ALA B 29 -4.25 -15.30 -3.21
N ASP B 30 -4.86 -16.47 -3.35
CA ASP B 30 -4.46 -17.60 -2.52
C ASP B 30 -3.07 -18.10 -2.88
N GLU B 31 -2.73 -18.09 -4.17
CA GLU B 31 -1.45 -18.60 -4.64
C GLU B 31 -0.29 -17.75 -4.09
N PRO B 32 0.88 -18.36 -3.87
CA PRO B 32 1.96 -17.64 -3.18
C PRO B 32 2.52 -16.45 -3.94
N TRP B 33 2.60 -16.52 -5.27
CA TRP B 33 3.24 -15.43 -6.01
C TRP B 33 2.46 -14.13 -5.88
N ALA B 34 1.13 -14.21 -5.86
CA ALA B 34 0.35 -13.00 -5.61
C ALA B 34 0.49 -12.53 -4.16
N ALA B 35 0.66 -13.47 -3.22
CA ALA B 35 0.84 -13.11 -1.82
C ALA B 35 2.21 -12.48 -1.59
N GLY B 36 3.22 -12.95 -2.29
CA GLY B 36 4.59 -12.53 -2.06
C GLY B 36 4.89 -11.10 -2.45
N PRO B 37 6.18 -10.75 -2.41
CA PRO B 37 6.56 -9.38 -2.74
C PRO B 37 6.29 -9.01 -4.18
N LEU B 38 6.45 -9.95 -5.11
CA LEU B 38 6.23 -9.66 -6.52
C LEU B 38 4.79 -9.20 -6.75
N GLY B 39 3.82 -9.93 -6.18
CA GLY B 39 2.42 -9.59 -6.40
C GLY B 39 2.03 -8.24 -5.83
N GLN B 40 2.51 -7.93 -4.62
CA GLN B 40 2.17 -6.64 -4.02
C GLN B 40 2.78 -5.49 -4.81
N MET B 41 3.99 -5.67 -5.34
CA MET B 41 4.59 -4.61 -6.14
C MET B 41 3.89 -4.46 -7.49
N LEU B 42 3.47 -5.56 -8.10
CA LEU B 42 2.70 -5.43 -9.33
C LEU B 42 1.39 -4.70 -9.07
N ARG B 43 0.76 -4.97 -7.92
CA ARG B 43 -0.44 -4.26 -7.54
C ARG B 43 -0.17 -2.76 -7.43
N ASP B 44 0.92 -2.38 -6.75
CA ASP B 44 1.21 -0.96 -6.53
C ASP B 44 1.43 -0.23 -7.85
N ILE B 45 2.15 -0.85 -8.77
CA ILE B 45 2.36 -0.24 -10.07
C ILE B 45 1.02 -0.06 -10.78
N ALA B 46 0.19 -1.09 -10.76
CA ALA B 46 -1.10 -0.97 -11.43
C ALA B 46 -1.96 0.10 -10.78
N GLU B 47 -1.93 0.18 -9.44
CA GLU B 47 -2.67 1.26 -8.79
C GLU B 47 -2.08 2.61 -9.17
N ALA B 48 -0.76 2.72 -9.23
CA ALA B 48 -0.14 3.97 -9.68
C ALA B 48 -0.59 4.35 -11.08
N ILE B 49 -0.67 3.35 -11.98
CA ILE B 49 -1.17 3.62 -13.33
C ILE B 49 -2.60 4.12 -13.29
N ILE B 50 -3.45 3.51 -12.45
CA ILE B 50 -4.83 3.97 -12.32
C ILE B 50 -4.85 5.42 -11.88
N ARG B 51 -4.03 5.78 -10.90
CA ARG B 51 -4.04 7.14 -10.37
C ARG B 51 -3.56 8.15 -11.40
N ILE B 52 -2.54 7.78 -12.18
CA ILE B 52 -2.09 8.64 -13.28
C ILE B 52 -3.23 8.90 -14.26
N ALA B 53 -3.92 7.83 -14.68
CA ALA B 53 -5.00 8.00 -15.64
C ALA B 53 -6.11 8.88 -15.08
N GLU B 54 -6.49 8.65 -13.82
CA GLU B 54 -7.52 9.47 -13.19
C GLU B 54 -7.06 10.93 -13.08
N ALA B 55 -5.79 11.15 -12.72
CA ALA B 55 -5.32 12.51 -12.56
C ALA B 55 -5.29 13.23 -13.91
N VAL B 56 -4.96 12.53 -14.99
CA VAL B 56 -5.01 13.13 -16.32
C VAL B 56 -6.44 13.50 -16.68
N GLU B 57 -7.42 12.69 -16.25
CA GLU B 57 -8.80 13.03 -16.50
C GLU B 57 -9.20 14.34 -15.81
N LEU B 58 -8.65 14.61 -14.62
CA LEU B 58 -8.89 15.90 -13.98
C LEU B 58 -8.34 17.05 -14.80
N LEU B 59 -7.15 16.89 -15.41
CA LEU B 59 -6.59 17.99 -16.18
C LEU B 59 -7.51 18.41 -17.31
N LEU B 60 -8.15 17.45 -17.97
CA LEU B 60 -8.97 17.73 -19.15
C LEU B 60 -10.42 18.06 -18.78
N GLU B 61 -10.66 18.56 -17.59
CA GLU B 61 -12.00 18.93 -17.16
C GLU B 61 -12.11 20.44 -17.26
N PRO B 62 -13.27 21.06 -17.04
CA PRO B 62 -13.33 22.52 -17.07
C PRO B 62 -12.29 23.11 -16.13
N PRO B 63 -11.45 24.00 -16.64
CA PRO B 63 -10.24 24.38 -15.90
C PRO B 63 -10.55 25.25 -14.68
N THR B 64 -9.84 24.95 -13.60
CA THR B 64 -9.81 25.80 -12.41
C THR B 64 -8.40 25.64 -11.85
N GLU B 65 -7.89 26.71 -11.24
CA GLU B 65 -6.55 26.66 -10.67
C GLU B 65 -6.42 25.48 -9.71
N GLU B 66 -7.45 25.21 -8.91
CA GLU B 66 -7.38 24.15 -7.92
C GLU B 66 -7.39 22.75 -8.56
N ARG B 67 -8.23 22.51 -9.57
CA ARG B 67 -8.27 21.21 -10.23
C ARG B 67 -6.95 20.90 -10.93
N VAL B 68 -6.43 21.85 -11.71
CA VAL B 68 -5.15 21.64 -12.38
C VAL B 68 -4.07 21.34 -11.35
N GLU B 69 -4.12 22.02 -10.21
CA GLU B 69 -3.13 21.86 -9.16
C GLU B 69 -3.21 20.49 -8.50
N ARG B 70 -4.43 20.00 -8.23
CA ARG B 70 -4.56 18.65 -7.68
C ARG B 70 -4.10 17.62 -8.68
N ALA B 71 -4.42 17.83 -9.96
CA ALA B 71 -4.07 16.86 -10.97
C ALA B 71 -2.56 16.71 -11.11
N LEU B 72 -1.83 17.84 -11.07
CA LEU B 72 -0.38 17.75 -11.13
C LEU B 72 0.16 17.05 -9.89
N GLU B 73 -0.45 17.30 -8.73
CA GLU B 73 0.02 16.67 -7.50
C GLU B 73 -0.21 15.16 -7.54
N LEU B 74 -1.38 14.74 -8.00
CA LEU B 74 -1.69 13.31 -8.10
C LEU B 74 -0.79 12.59 -9.09
N ILE B 75 -0.51 13.24 -10.23
CA ILE B 75 0.45 12.67 -11.18
C ILE B 75 1.80 12.51 -10.51
N ALA B 76 2.28 13.56 -9.84
CA ALA B 76 3.60 13.53 -9.21
C ALA B 76 3.69 12.45 -8.15
N GLU B 77 2.69 12.41 -7.25
CA GLU B 77 2.68 11.39 -6.21
C GLU B 77 2.47 9.99 -6.78
N ALA B 78 1.71 9.85 -7.87
CA ALA B 78 1.50 8.53 -8.46
C ALA B 78 2.78 7.98 -9.05
N TRP B 79 3.55 8.81 -9.75
CA TRP B 79 4.85 8.36 -10.24
C TRP B 79 5.81 8.02 -9.11
N ALA B 80 5.75 8.76 -8.00
CA ALA B 80 6.57 8.40 -6.83
C ALA B 80 6.24 7.02 -6.33
N LEU B 81 4.96 6.69 -6.28
CA LEU B 81 4.55 5.34 -5.91
C LEU B 81 5.05 4.31 -6.91
N ALA B 82 4.92 4.60 -8.21
CA ALA B 82 5.29 3.59 -9.20
C ALA B 82 6.79 3.31 -9.17
N LEU B 83 7.60 4.35 -9.06
CA LEU B 83 9.05 4.18 -9.02
C LEU B 83 9.53 3.51 -7.75
N ALA B 84 8.89 3.79 -6.61
CA ALA B 84 9.24 3.13 -5.36
C ALA B 84 8.88 1.65 -5.41
N ALA B 85 7.73 1.34 -6.00
CA ALA B 85 7.34 -0.06 -6.16
C ALA B 85 8.31 -0.82 -7.06
N ILE B 86 8.77 -0.21 -8.15
CA ILE B 86 9.75 -0.88 -9.01
C ILE B 86 11.07 -1.05 -8.27
N LEU B 87 11.51 -0.02 -7.55
CA LEU B 87 12.73 -0.10 -6.76
C LEU B 87 12.65 -1.26 -5.77
N GLU B 88 11.57 -1.34 -5.01
CA GLU B 88 11.43 -2.40 -4.02
C GLU B 88 11.46 -3.77 -4.68
N LEU B 89 10.80 -3.90 -5.83
CA LEU B 89 10.78 -5.15 -6.59
C LEU B 89 12.19 -5.59 -6.97
N LEU B 90 13.02 -4.65 -7.43
CA LEU B 90 14.41 -4.95 -7.75
C LEU B 90 15.20 -5.35 -6.52
N LEU B 91 14.97 -4.67 -5.40
CA LEU B 91 15.73 -4.95 -4.18
C LEU B 91 15.41 -6.35 -3.63
N VAL B 92 14.15 -6.75 -3.69
CA VAL B 92 13.79 -8.10 -3.25
C VAL B 92 14.34 -9.13 -4.22
N LYS B 93 14.22 -8.87 -5.53
CA LYS B 93 14.75 -9.77 -6.53
C LYS B 93 16.27 -9.87 -6.45
N LYS B 94 16.95 -8.79 -6.07
CA LYS B 94 18.38 -8.87 -5.83
C LYS B 94 18.69 -9.77 -4.64
N VAL B 95 17.93 -9.64 -3.54
CA VAL B 95 18.19 -10.47 -2.37
C VAL B 95 17.92 -11.94 -2.68
N GLU B 96 16.83 -12.23 -3.39
CA GLU B 96 16.54 -13.61 -3.78
C GLU B 96 17.65 -14.16 -4.66
N VAL B 97 18.10 -13.40 -5.65
CA VAL B 97 19.07 -13.92 -6.60
C VAL B 97 20.42 -14.18 -5.91
N LYS B 98 20.81 -13.31 -4.97
CA LYS B 98 22.05 -13.53 -4.24
C LYS B 98 22.04 -14.89 -3.53
N ARG B 99 20.94 -15.19 -2.86
CA ARG B 99 20.74 -16.47 -2.21
C ARG B 99 20.54 -17.62 -3.19
N PRO B 107 13.49 -19.05 0.43
CA PRO B 107 12.79 -17.82 0.10
C PRO B 107 13.27 -16.64 0.94
N PRO B 108 13.06 -15.40 0.48
CA PRO B 108 13.55 -14.24 1.24
C PRO B 108 12.89 -14.13 2.59
N THR B 109 13.69 -13.77 3.60
CA THR B 109 13.16 -13.57 4.94
C THR B 109 12.30 -12.31 4.99
N GLN B 110 11.46 -12.23 6.03
CA GLN B 110 10.66 -11.03 6.19
C GLN B 110 11.54 -9.81 6.45
N GLU B 111 12.63 -9.98 7.21
CA GLU B 111 13.53 -8.87 7.49
C GLU B 111 14.12 -8.29 6.21
N GLU B 112 14.49 -9.16 5.26
CA GLU B 112 14.96 -8.69 3.97
C GLU B 112 13.88 -7.90 3.23
N ILE B 113 12.64 -8.38 3.30
CA ILE B 113 11.54 -7.71 2.62
C ILE B 113 11.23 -6.37 3.27
N GLU B 114 11.22 -6.33 4.61
CA GLU B 114 11.00 -5.10 5.35
C GLU B 114 12.02 -4.04 4.94
N ALA B 115 13.30 -4.42 4.93
CA ALA B 115 14.36 -3.49 4.56
C ALA B 115 14.18 -2.95 3.15
N ALA B 116 13.76 -3.81 2.21
CA ALA B 116 13.52 -3.34 0.85
C ALA B 116 12.35 -2.36 0.82
N ARG B 117 11.29 -2.65 1.57
CA ARG B 117 10.13 -1.75 1.57
C ARG B 117 10.48 -0.40 2.18
N GLU B 118 11.26 -0.41 3.27
CA GLU B 118 11.63 0.86 3.91
C GLU B 118 12.53 1.70 3.02
N GLU B 119 13.41 1.06 2.25
CA GLU B 119 14.23 1.82 1.30
C GLU B 119 13.37 2.46 0.23
N ALA B 120 12.41 1.70 -0.33
CA ALA B 120 11.50 2.28 -1.31
C ALA B 120 10.67 3.40 -0.68
N GLU B 121 10.24 3.22 0.58
CA GLU B 121 9.41 4.21 1.25
C GLU B 121 10.15 5.53 1.47
N LYS B 122 11.45 5.48 1.80
CA LYS B 122 12.21 6.70 1.95
C LYS B 122 12.23 7.49 0.65
N MET B 123 12.26 6.78 -0.48
CA MET B 123 12.19 7.46 -1.77
C MET B 123 10.87 8.21 -1.91
N ARG B 124 9.77 7.61 -1.46
CA ARG B 124 8.47 8.28 -1.52
C ARG B 124 8.44 9.50 -0.60
N GLU B 125 9.05 9.40 0.59
CA GLU B 125 9.00 10.55 1.49
C GLU B 125 9.87 11.69 0.99
N GLU B 126 11.04 11.38 0.41
CA GLU B 126 11.90 12.43 -0.12
C GLU B 126 11.21 13.17 -1.26
N PHE B 127 10.46 12.44 -2.10
CA PHE B 127 9.72 13.12 -3.15
C PHE B 127 8.65 14.03 -2.57
N GLU B 128 7.99 13.60 -1.50
CA GLU B 128 6.95 14.43 -0.91
C GLU B 128 7.55 15.69 -0.31
N LYS B 129 8.78 15.61 0.21
CA LYS B 129 9.46 16.79 0.71
C LYS B 129 9.75 17.78 -0.41
N LEU B 130 10.21 17.27 -1.57
CA LEU B 130 10.42 18.16 -2.71
C LEU B 130 9.10 18.78 -3.16
N LEU B 131 8.03 17.99 -3.19
CA LEU B 131 6.74 18.51 -3.62
C LEU B 131 6.25 19.63 -2.70
N GLU B 132 6.39 19.44 -1.38
CA GLU B 132 5.93 20.46 -0.45
C GLU B 132 6.72 21.76 -0.60
N GLU B 133 8.02 21.65 -0.88
CA GLU B 133 8.84 22.85 -1.01
C GLU B 133 8.54 23.58 -2.31
N VAL B 134 8.36 22.85 -3.39
CA VAL B 134 8.01 23.47 -4.66
C VAL B 134 6.71 24.25 -4.54
N LYS B 135 5.75 23.73 -3.78
CA LYS B 135 4.45 24.38 -3.67
C LYS B 135 4.50 25.67 -2.88
N LYS B 136 5.29 25.69 -1.79
CA LYS B 136 5.45 26.93 -1.04
C LYS B 136 6.11 28.00 -1.90
N GLU B 137 7.02 27.60 -2.79
CA GLU B 137 7.66 28.53 -3.71
C GLU B 137 6.67 29.10 -4.72
N GLY B 138 5.69 28.31 -5.14
CA GLY B 138 4.68 28.76 -6.06
C GLY B 138 3.79 27.64 -6.54
N PRO B 139 2.78 27.98 -7.34
CA PRO B 139 1.88 26.94 -7.86
C PRO B 139 2.61 26.01 -8.83
N LEU B 140 2.15 24.76 -8.87
CA LEU B 140 2.70 23.80 -9.83
C LEU B 140 2.35 24.12 -11.27
N THR B 141 1.46 25.08 -11.52
CA THR B 141 1.14 25.52 -12.87
C THR B 141 2.28 26.27 -13.55
N GLU B 142 3.38 26.53 -12.84
CA GLU B 142 4.57 27.14 -13.43
C GLU B 142 5.49 26.05 -13.95
N VAL B 143 6.03 26.26 -15.15
CA VAL B 143 6.77 25.19 -15.84
C VAL B 143 8.03 24.83 -15.07
N GLU B 144 8.70 25.85 -14.50
CA GLU B 144 9.93 25.63 -13.75
C GLU B 144 9.72 24.66 -12.59
N HIS B 145 8.57 24.76 -11.92
CA HIS B 145 8.32 23.90 -10.78
C HIS B 145 8.12 22.45 -11.19
N VAL B 146 7.38 22.22 -12.28
CA VAL B 146 7.22 20.86 -12.79
C VAL B 146 8.56 20.28 -13.19
N LEU B 147 9.44 21.10 -13.79
CA LEU B 147 10.76 20.59 -14.17
C LEU B 147 11.56 20.10 -12.97
N LYS B 148 11.40 20.72 -11.79
CA LYS B 148 12.07 20.21 -10.60
C LYS B 148 11.58 18.81 -10.25
N LEU B 149 10.27 18.58 -10.39
CA LEU B 149 9.74 17.26 -10.06
C LEU B 149 10.22 16.22 -11.06
N LEU B 150 10.29 16.57 -12.34
CA LEU B 150 10.71 15.59 -13.34
C LEU B 150 12.19 15.24 -13.20
N GLU B 151 13.03 16.18 -12.80
CA GLU B 151 14.44 15.86 -12.66
C GLU B 151 14.66 14.90 -11.51
N LYS B 152 13.86 15.02 -10.45
CA LYS B 152 13.92 14.06 -9.36
C LYS B 152 13.46 12.68 -9.82
N PHE B 153 12.42 12.64 -10.65
CA PHE B 153 12.03 11.38 -11.28
C PHE B 153 13.20 10.78 -12.06
N LEU B 154 13.93 11.62 -12.80
CA LEU B 154 15.07 11.10 -13.56
C LEU B 154 16.15 10.55 -12.65
N LYS B 155 16.41 11.20 -11.53
CA LYS B 155 17.37 10.65 -10.58
C LYS B 155 16.95 9.26 -10.11
N TYR B 156 15.67 9.09 -9.77
CA TYR B 156 15.18 7.78 -9.35
C TYR B 156 15.28 6.75 -10.46
N LEU B 157 14.97 7.14 -11.70
CA LEU B 157 15.11 6.19 -12.80
C LEU B 157 16.57 5.81 -13.02
N ASP B 158 17.49 6.75 -12.74
CA ASP B 158 18.91 6.40 -12.81
C ASP B 158 19.26 5.32 -11.80
N LYS B 159 18.74 5.43 -10.58
CA LYS B 159 18.98 4.38 -9.58
C LYS B 159 18.33 3.06 -9.98
N ILE B 160 17.13 3.10 -10.55
CA ILE B 160 16.48 1.88 -11.02
C ILE B 160 17.31 1.22 -12.12
N ILE B 161 17.75 2.01 -13.10
CA ILE B 161 18.53 1.48 -14.20
C ILE B 161 19.77 0.77 -13.68
N GLU B 162 20.49 1.43 -12.77
CA GLU B 162 21.70 0.87 -12.19
C GLU B 162 21.41 -0.45 -11.49
N LEU B 163 20.33 -0.52 -10.70
CA LEU B 163 20.03 -1.77 -10.01
C LEU B 163 19.54 -2.84 -10.96
N ALA B 164 18.73 -2.47 -11.96
CA ALA B 164 18.25 -3.46 -12.92
C ALA B 164 19.39 -4.02 -13.76
N GLU B 165 20.36 -3.18 -14.09
CA GLU B 165 21.55 -3.69 -14.75
C GLU B 165 22.26 -4.71 -13.87
N GLU B 166 22.23 -4.48 -12.55
CA GLU B 166 22.95 -5.34 -11.64
C GLU B 166 22.24 -6.69 -11.46
N LEU B 167 20.91 -6.69 -11.38
CA LEU B 167 20.17 -7.95 -11.43
C LEU B 167 20.40 -8.70 -12.73
N ALA B 168 20.40 -7.98 -13.85
CA ALA B 168 20.53 -8.63 -15.14
C ALA B 168 21.90 -9.28 -15.32
N SER B 169 22.93 -8.77 -14.63
CA SER B 169 24.22 -9.44 -14.69
C SER B 169 24.23 -10.68 -13.80
N ILE B 170 23.55 -10.63 -12.67
CA ILE B 170 23.53 -11.77 -11.76
C ILE B 170 22.64 -12.89 -12.30
N ASP B 171 21.54 -12.54 -12.96
CA ASP B 171 20.62 -13.52 -13.54
C ASP B 171 20.38 -13.12 -14.99
N PRO B 172 21.23 -13.57 -15.92
CA PRO B 172 21.18 -13.04 -17.30
C PRO B 172 19.92 -13.40 -18.06
N ASP B 173 19.20 -14.44 -17.66
CA ASP B 173 18.04 -14.91 -18.39
C ASP B 173 16.74 -14.59 -17.65
N ASN B 174 16.79 -13.65 -16.70
CA ASN B 174 15.64 -13.26 -15.91
C ASN B 174 14.81 -12.27 -16.71
N GLU B 175 13.58 -12.67 -17.05
CA GLU B 175 12.75 -11.87 -17.94
C GLU B 175 12.28 -10.58 -17.26
N LEU B 176 11.98 -10.64 -15.96
CA LEU B 176 11.49 -9.45 -15.27
C LEU B 176 12.58 -8.38 -15.14
N ALA B 177 13.80 -8.77 -14.78
CA ALA B 177 14.89 -7.81 -14.72
C ALA B 177 15.11 -7.13 -16.06
N LYS B 178 15.10 -7.91 -17.15
CA LYS B 178 15.27 -7.34 -18.47
C LYS B 178 14.16 -6.38 -18.82
N ASN B 179 12.91 -6.76 -18.50
CA ASN B 179 11.77 -5.89 -18.82
C ASN B 179 11.80 -4.60 -17.98
N ILE B 180 12.16 -4.70 -16.69
CA ILE B 180 12.28 -3.49 -15.87
C ILE B 180 13.38 -2.58 -16.41
N LEU B 181 14.50 -3.17 -16.83
CA LEU B 181 15.57 -2.37 -17.42
C LEU B 181 15.08 -1.64 -18.66
N GLU B 182 14.43 -2.37 -19.58
CA GLU B 182 13.94 -1.75 -20.80
C GLU B 182 12.86 -0.72 -20.51
N ALA B 183 11.99 -0.98 -19.55
CA ALA B 183 11.00 0.04 -19.20
C ALA B 183 11.67 1.24 -18.55
N ALA B 184 12.63 0.99 -17.65
CA ALA B 184 13.31 2.11 -17.01
C ALA B 184 14.05 2.97 -18.04
N LYS B 185 14.74 2.33 -18.99
CA LYS B 185 15.45 3.09 -20.02
C LYS B 185 14.49 3.90 -20.87
N LYS B 186 13.34 3.31 -21.25
CA LYS B 186 12.40 4.08 -22.04
C LYS B 186 11.80 5.23 -21.23
N LEU B 187 11.51 5.01 -19.94
CA LEU B 187 10.98 6.10 -19.12
C LEU B 187 12.00 7.22 -18.99
N LYS B 188 13.29 6.90 -18.91
CA LYS B 188 14.31 7.94 -18.86
C LYS B 188 14.27 8.78 -20.13
N GLU B 189 14.16 8.13 -21.30
CA GLU B 189 14.07 8.84 -22.57
C GLU B 189 12.84 9.72 -22.63
N LEU B 190 11.68 9.19 -22.22
CA LEU B 190 10.46 9.97 -22.27
C LEU B 190 10.55 11.21 -21.40
N PHE B 191 11.08 11.08 -20.17
CA PHE B 191 11.09 12.25 -19.30
C PHE B 191 12.20 13.22 -19.65
N GLU B 192 13.31 12.72 -20.21
CA GLU B 192 14.34 13.61 -20.72
C GLU B 192 13.83 14.41 -21.91
N LYS B 193 13.16 13.75 -22.85
CA LYS B 193 12.53 14.46 -23.95
C LYS B 193 11.51 15.46 -23.44
N LEU B 194 10.81 15.11 -22.36
CA LEU B 194 9.79 15.99 -21.80
C LEU B 194 10.41 17.21 -21.14
N ILE B 195 11.50 17.02 -20.39
CA ILE B 195 12.16 18.15 -19.75
C ILE B 195 12.69 19.12 -20.78
N GLU B 196 13.10 18.61 -21.95
CA GLU B 196 13.60 19.49 -23.01
C GLU B 196 12.46 20.26 -23.67
N GLU B 197 11.26 19.68 -23.70
CA GLU B 197 10.14 20.24 -24.45
C GLU B 197 9.30 21.24 -23.66
N LEU B 198 9.14 21.04 -22.35
CA LEU B 198 8.09 21.77 -21.62
C LEU B 198 8.20 23.28 -21.77
N LYS B 199 9.41 23.82 -21.78
CA LYS B 199 9.55 25.27 -21.92
C LYS B 199 9.05 25.75 -23.28
N LYS B 200 9.40 25.03 -24.36
CA LYS B 200 9.14 25.45 -25.72
C LYS B 200 7.89 24.82 -26.32
N SER B 201 7.15 24.07 -25.56
CA SER B 201 6.01 23.35 -26.13
C SER B 201 4.74 24.16 -25.98
N PRO B 202 4.00 24.40 -27.06
CA PRO B 202 2.67 24.97 -26.90
C PRO B 202 1.85 23.97 -26.10
N GLU B 203 1.05 24.50 -25.17
CA GLU B 203 0.19 23.66 -24.32
C GLU B 203 1.00 22.55 -23.64
N TRP B 204 1.95 22.96 -22.81
CA TRP B 204 2.85 21.98 -22.22
C TRP B 204 2.13 21.05 -21.25
N LEU B 205 0.97 21.48 -20.73
CA LEU B 205 0.18 20.59 -19.87
C LEU B 205 -0.34 19.39 -20.66
N LEU B 206 -0.79 19.62 -21.89
CA LEU B 206 -1.19 18.48 -22.72
C LEU B 206 0.01 17.62 -23.10
N VAL B 207 1.16 18.26 -23.35
CA VAL B 207 2.37 17.50 -23.65
C VAL B 207 2.74 16.63 -22.46
N LEU B 208 2.68 17.19 -21.25
CA LEU B 208 2.89 16.43 -20.02
C LEU B 208 1.87 15.29 -19.89
N ALA B 209 0.59 15.58 -20.13
CA ALA B 209 -0.44 14.54 -20.07
C ALA B 209 -0.17 13.41 -21.06
N GLU B 210 0.20 13.74 -22.29
CA GLU B 210 0.44 12.71 -23.30
C GLU B 210 1.64 11.86 -22.92
N THR B 211 2.68 12.47 -22.31
CA THR B 211 3.88 11.73 -21.96
C THR B 211 3.67 10.83 -20.74
N VAL B 212 2.97 11.32 -19.71
CA VAL B 212 2.79 10.46 -18.54
C VAL B 212 1.87 9.29 -18.87
N LEU B 213 0.95 9.47 -19.81
CA LEU B 213 0.18 8.34 -20.33
C LEU B 213 1.07 7.36 -21.09
N GLU B 214 1.89 7.87 -22.00
CA GLU B 214 2.80 6.98 -22.72
C GLU B 214 3.71 6.22 -21.76
N ALA B 215 4.22 6.92 -20.73
CA ALA B 215 5.10 6.29 -19.76
C ALA B 215 4.38 5.25 -18.92
N ALA B 216 3.13 5.54 -18.52
CA ALA B 216 2.37 4.54 -17.78
C ALA B 216 1.97 3.36 -18.65
N GLU B 217 1.69 3.61 -19.94
CA GLU B 217 1.42 2.52 -20.88
C GLU B 217 2.64 1.62 -21.04
N THR B 218 3.84 2.21 -20.99
CA THR B 218 5.08 1.44 -21.08
C THR B 218 5.27 0.55 -19.85
N LEU B 219 4.97 1.08 -18.67
CA LEU B 219 5.02 0.27 -17.47
C LEU B 219 4.06 -0.90 -17.56
N TYR B 220 2.85 -0.65 -18.06
CA TYR B 220 1.87 -1.73 -18.20
C TYR B 220 2.32 -2.75 -19.23
N ASP B 221 2.69 -2.30 -20.44
CA ASP B 221 2.99 -3.25 -21.50
C ASP B 221 4.28 -4.01 -21.24
N LEU B 222 5.25 -3.39 -20.57
CA LEU B 222 6.56 -4.01 -20.44
C LEU B 222 6.82 -4.64 -19.08
N ILE B 223 6.19 -4.17 -18.00
CA ILE B 223 6.40 -4.74 -16.67
C ILE B 223 5.19 -5.58 -16.22
N VAL B 224 4.03 -4.93 -16.12
CA VAL B 224 2.89 -5.57 -15.45
C VAL B 224 2.34 -6.71 -16.29
N LYS B 225 1.91 -6.44 -17.52
CA LYS B 225 1.30 -7.49 -18.33
C LYS B 225 2.21 -8.68 -18.55
N PRO B 226 3.50 -8.53 -18.87
CA PRO B 226 4.38 -9.71 -18.99
C PRO B 226 4.48 -10.51 -17.70
N ALA B 227 4.61 -9.83 -16.56
CA ALA B 227 4.73 -10.53 -15.28
C ALA B 227 3.47 -11.33 -14.97
N LEU B 228 2.31 -10.76 -15.26
CA LEU B 228 1.06 -11.47 -15.00
C LEU B 228 0.91 -12.67 -15.93
N GLU B 229 1.21 -12.49 -17.21
CA GLU B 229 1.06 -13.58 -18.17
C GLU B 229 2.02 -14.72 -17.87
N ALA B 230 3.19 -14.43 -17.31
CA ALA B 230 4.10 -15.50 -16.92
C ALA B 230 3.52 -16.34 -15.78
N TYR B 231 2.70 -15.76 -14.91
CA TYR B 231 2.12 -16.54 -13.82
C TYR B 231 0.90 -17.34 -14.26
N LYS B 232 0.12 -16.83 -15.21
CA LYS B 232 -0.89 -17.68 -15.82
C LYS B 232 -0.27 -18.95 -16.37
N ALA B 233 0.89 -18.82 -17.01
CA ALA B 233 1.65 -19.96 -17.49
C ALA B 233 2.59 -20.47 -16.40
#